data_6VCV
#
_entry.id   6VCV
#
_cell.length_a   35.562
_cell.length_b   39.620
_cell.length_c   40.771
_cell.angle_alpha   76.823
_cell.angle_beta   89.918
_cell.angle_gamma   85.744
#
_symmetry.space_group_name_H-M   'P 1'
#
loop_
_entity.id
_entity.type
_entity.pdbx_description
1 polymer 'FK506-binding protein 1A'
2 non-polymer "N'-[(3S,4R,5S,8R,9E,12S,14S,15R,16S,18R,19R,26aS)-5,19-dihydroxy-3-{(1E)-1-[(1R,3R,4R)-4-hydroxy-3-methoxycyclohexyl]prop-1-en-2-yl}-14,16-dimethoxy-4,10,12,18-tetramethyl-1,20,21-trioxo-8-(prop-2-en-1-yl)-1,3,4,5,6,8,11,12,13,14,15,16,17,18,19,20,21,23,24,25,26,26a-docosahydro-7H-15,19-epoxypyrido[2,1-c][1,4]oxazacyclotricosin-7-ylidene]acetohydrazide"
3 water water
#
_entity_poly.entity_id   1
_entity_poly.type   'polypeptide(L)'
_entity_poly.pdbx_seq_one_letter_code
;GSHMGVTKELKSPGNGVDFPKKGDFVTIHYTGRLTDGSKFDSSVDRNEPFQTQIGTGRVIKGWDEGVPQMSLGEKAVLTI
TPDYGYGARGFPPVIPGNSTLIFEVELLGINNKRA
;
_entity_poly.pdbx_strand_id   A,B
#
loop_
_chem_comp.id
_chem_comp.type
_chem_comp.name
_chem_comp.formula
R27 non-polymer N'-[(3S,4R,5S,8R,9E,12S,14S,15R,16S,18R,19R,26aS)-5,19-dihydroxy-3-{(1E)-1-[(1R,3R,4R)-4-hydroxy-3-methoxycyclohexyl]prop-1-en-2-yl}-14,16-dimethoxy-4,10,12,18-tetramethyl-1,20,21-trioxo-8-(prop-2-en-1-yl)-1,3,4,5,6,8,11,12,13,14,15,16,17,18,19,20,21,23,24,25,26,26a-docosahydro-7H-15,19-epoxypyrido[2,1-c][1,4]oxazacyclotricosin-7-ylidene]acetohydrazide 'C46 H73 N3 O12'
#
# COMPACT_ATOMS: atom_id res chain seq x y z
N MET A 4 2.47 -6.37 -5.09
CA MET A 4 2.18 -6.78 -6.47
C MET A 4 2.94 -5.91 -7.48
N GLY A 5 2.32 -4.84 -7.98
CA GLY A 5 2.93 -4.03 -9.02
C GLY A 5 4.11 -3.18 -8.58
N VAL A 6 4.23 -2.90 -7.29
CA VAL A 6 5.38 -2.19 -6.76
C VAL A 6 5.72 -2.81 -5.41
N THR A 7 7.01 -2.98 -5.16
CA THR A 7 7.49 -3.38 -3.85
C THR A 7 8.56 -2.40 -3.41
N LYS A 8 8.76 -2.34 -2.09
CA LYS A 8 9.57 -1.29 -1.48
C LYS A 8 10.57 -1.87 -0.51
N GLU A 9 11.84 -1.50 -0.68
CA GLU A 9 12.88 -1.81 0.30
C GLU A 9 13.25 -0.53 1.04
N LEU A 10 13.12 -0.55 2.37
CA LEU A 10 13.46 0.60 3.19
C LEU A 10 14.98 0.72 3.33
N LYS A 11 15.51 1.93 3.11
CA LYS A 11 16.93 2.21 3.23
C LYS A 11 17.28 3.00 4.49
N SER A 12 16.49 4.03 4.81
CA SER A 12 16.65 4.80 6.03
C SER A 12 15.24 5.14 6.50
N PRO A 13 14.92 4.99 7.79
CA PRO A 13 13.54 5.19 8.23
C PRO A 13 13.16 6.67 8.30
N GLY A 14 11.89 6.94 8.04
CA GLY A 14 11.31 8.24 8.30
C GLY A 14 10.83 8.32 9.73
N ASN A 15 9.90 9.26 9.99
CA ASN A 15 9.46 9.45 11.36
C ASN A 15 8.43 8.40 11.80
N GLY A 16 7.98 7.55 10.89
CA GLY A 16 7.10 6.46 11.23
C GLY A 16 5.69 6.85 11.63
N VAL A 17 5.31 8.12 11.46
CA VAL A 17 4.04 8.64 11.95
C VAL A 17 3.22 9.24 10.82
N ASP A 18 3.83 10.05 9.97
CA ASP A 18 3.14 10.79 8.93
C ASP A 18 3.32 10.09 7.59
N PHE A 19 2.21 9.67 7.01
CA PHE A 19 2.18 8.99 5.73
C PHE A 19 1.34 9.78 4.75
N PRO A 20 1.75 9.83 3.48
CA PRO A 20 0.93 10.52 2.48
C PRO A 20 -0.41 9.83 2.27
N LYS A 21 -1.44 10.65 2.09
CA LYS A 21 -2.76 10.15 1.74
C LYS A 21 -3.10 10.57 0.31
N LYS A 22 -3.99 9.81 -0.32
CA LYS A 22 -4.46 10.17 -1.65
C LYS A 22 -4.92 11.62 -1.69
N GLY A 23 -4.41 12.36 -2.65
CA GLY A 23 -4.73 13.77 -2.81
C GLY A 23 -3.71 14.71 -2.19
N ASP A 24 -2.88 14.21 -1.27
CA ASP A 24 -1.81 15.04 -0.73
C ASP A 24 -0.82 15.41 -1.82
N PHE A 25 -0.12 16.50 -1.60
CA PHE A 25 1.03 16.83 -2.42
C PHE A 25 2.27 16.36 -1.66
N VAL A 26 3.20 15.74 -2.38
CA VAL A 26 4.42 15.27 -1.77
C VAL A 26 5.60 15.91 -2.48
N THR A 27 6.69 16.06 -1.75
CA THR A 27 7.97 16.50 -2.30
C THR A 27 8.96 15.35 -2.13
N ILE A 28 9.61 14.95 -3.23
CA ILE A 28 10.41 13.74 -3.29
C ILE A 28 11.69 14.03 -4.06
N HIS A 29 12.79 13.50 -3.56
CA HIS A 29 14.01 13.39 -4.36
C HIS A 29 14.11 11.97 -4.88
N TYR A 30 14.42 11.80 -6.17
CA TYR A 30 14.43 10.48 -6.76
C TYR A 30 15.55 10.34 -7.77
N THR A 31 15.92 9.08 -8.01
CA THR A 31 16.75 8.65 -9.13
C THR A 31 16.06 7.43 -9.74
N GLY A 32 15.90 7.43 -11.07
CA GLY A 32 15.23 6.34 -11.78
C GLY A 32 16.22 5.61 -12.66
N ARG A 33 16.25 4.29 -12.54
CA ARG A 33 17.13 3.44 -13.34
C ARG A 33 16.37 2.28 -13.97
N LEU A 34 16.87 1.82 -15.11
CA LEU A 34 16.48 0.54 -15.68
C LEU A 34 17.28 -0.59 -15.03
N THR A 35 16.79 -1.82 -15.17
CA THR A 35 17.50 -2.93 -14.53
C THR A 35 18.82 -3.28 -15.20
N ASP A 36 19.09 -2.74 -16.40
CA ASP A 36 20.40 -2.91 -17.03
C ASP A 36 21.41 -1.91 -16.51
N GLY A 37 21.00 -1.04 -15.58
CA GLY A 37 21.87 -0.07 -14.95
C GLY A 37 21.66 1.36 -15.43
N SER A 38 21.05 1.54 -16.59
CA SER A 38 20.87 2.87 -17.20
C SER A 38 20.13 3.81 -16.25
N LYS A 39 20.67 5.01 -16.04
CA LYS A 39 19.94 6.05 -15.32
C LYS A 39 19.15 6.87 -16.32
N PHE A 40 17.82 6.90 -16.17
CA PHE A 40 17.03 7.71 -17.08
C PHE A 40 16.64 9.07 -16.51
N ASP A 41 16.75 9.27 -15.19
CA ASP A 41 16.42 10.57 -14.62
C ASP A 41 16.86 10.62 -13.17
N SER A 42 17.03 11.83 -12.69
CA SER A 42 17.40 12.07 -11.30
C SER A 42 17.08 13.51 -10.95
N SER A 43 16.15 13.70 -10.00
CA SER A 43 15.96 15.04 -9.42
C SER A 43 17.14 15.42 -8.55
N VAL A 44 17.85 14.45 -7.99
CA VAL A 44 19.03 14.75 -7.19
C VAL A 44 20.12 15.38 -8.06
N ASP A 45 20.31 14.86 -9.27
CA ASP A 45 21.38 15.38 -10.13
C ASP A 45 21.09 16.79 -10.61
N ARG A 46 19.82 17.17 -10.75
CA ARG A 46 19.50 18.54 -11.11
C ARG A 46 19.23 19.42 -9.89
N ASN A 47 19.41 18.88 -8.68
CA ASN A 47 19.26 19.63 -7.43
C ASN A 47 17.90 20.31 -7.36
N GLU A 48 16.85 19.57 -7.73
CA GLU A 48 15.50 20.12 -7.82
C GLU A 48 14.51 19.10 -7.26
N PRO A 49 14.14 19.22 -5.99
CA PRO A 49 13.11 18.34 -5.43
C PRO A 49 11.85 18.35 -6.30
N PHE A 50 11.25 17.16 -6.45
CA PHE A 50 10.12 16.96 -7.34
C PHE A 50 8.83 16.94 -6.54
N GLN A 51 7.86 17.77 -6.94
CA GLN A 51 6.57 17.85 -6.27
C GLN A 51 5.49 17.22 -7.14
N THR A 52 4.60 16.46 -6.52
CA THR A 52 3.47 15.88 -7.24
C THR A 52 2.33 15.64 -6.28
N GLN A 53 1.12 15.78 -6.79
CA GLN A 53 0.00 15.17 -6.09
C GLN A 53 0.13 13.65 -6.20
N ILE A 54 -0.15 12.96 -5.11
CA ILE A 54 -0.02 11.51 -5.06
C ILE A 54 -1.40 10.86 -5.00
N GLY A 55 -1.50 9.69 -5.61
CA GLY A 55 -2.70 8.88 -5.58
C GLY A 55 -3.77 9.25 -6.59
N THR A 56 -3.53 10.24 -7.45
CA THR A 56 -4.54 10.74 -8.36
C THR A 56 -4.18 10.55 -9.82
N GLY A 57 -3.24 9.65 -10.11
CA GLY A 57 -2.91 9.30 -11.48
C GLY A 57 -2.05 10.30 -12.23
N ARG A 58 -1.46 11.28 -11.54
CA ARG A 58 -0.58 12.22 -12.23
C ARG A 58 0.79 11.63 -12.43
N VAL A 59 1.13 10.58 -11.70
CA VAL A 59 2.38 9.85 -11.86
C VAL A 59 2.03 8.37 -12.03
N ILE A 60 3.03 7.60 -12.42
CA ILE A 60 2.82 6.18 -12.66
C ILE A 60 2.28 5.47 -11.42
N LYS A 61 1.64 4.34 -11.65
CA LYS A 61 0.91 3.66 -10.57
C LYS A 61 1.87 3.21 -9.47
N GLY A 62 3.07 2.78 -9.83
CA GLY A 62 4.04 2.37 -8.83
C GLY A 62 4.33 3.46 -7.81
N TRP A 63 4.33 4.73 -8.25
CA TRP A 63 4.48 5.82 -7.32
C TRP A 63 3.20 6.04 -6.52
N ASP A 64 2.04 6.02 -7.20
CA ASP A 64 0.79 6.26 -6.48
C ASP A 64 0.56 5.24 -5.37
N GLU A 65 1.02 4.01 -5.57
CA GLU A 65 0.83 2.97 -4.56
C GLU A 65 1.99 2.92 -3.56
N GLY A 66 3.22 3.11 -4.04
CA GLY A 66 4.37 2.95 -3.17
C GLY A 66 4.63 4.13 -2.27
N VAL A 67 4.41 5.34 -2.75
CA VAL A 67 4.77 6.51 -1.94
C VAL A 67 3.92 6.63 -0.68
N PRO A 68 2.61 6.36 -0.71
CA PRO A 68 1.81 6.43 0.52
C PRO A 68 2.24 5.40 1.58
N GLN A 69 3.04 4.41 1.21
CA GLN A 69 3.54 3.44 2.19
C GLN A 69 4.78 3.94 2.92
N MET A 70 5.35 5.07 2.51
CA MET A 70 6.54 5.64 3.14
C MET A 70 6.16 6.67 4.21
N SER A 71 6.93 6.72 5.28
CA SER A 71 6.75 7.78 6.25
C SER A 71 7.63 8.98 5.90
N LEU A 72 7.24 10.14 6.42
CA LEU A 72 7.93 11.40 6.12
C LEU A 72 9.39 11.29 6.52
N GLY A 73 10.28 11.52 5.57
CA GLY A 73 11.71 11.43 5.78
C GLY A 73 12.32 10.11 5.36
N GLU A 74 11.52 9.14 4.97
CA GLU A 74 12.03 7.83 4.60
C GLU A 74 12.79 7.88 3.28
N LYS A 75 13.89 7.12 3.22
CA LYS A 75 14.58 6.80 1.98
C LYS A 75 14.32 5.33 1.67
N ALA A 76 13.89 5.06 0.43
CA ALA A 76 13.51 3.70 0.06
C ALA A 76 13.83 3.48 -1.41
N VAL A 77 13.75 2.22 -1.83
CA VAL A 77 13.86 1.86 -3.24
C VAL A 77 12.57 1.19 -3.67
N LEU A 78 11.91 1.75 -4.69
CA LEU A 78 10.71 1.16 -5.29
C LEU A 78 11.10 0.37 -6.53
N THR A 79 10.69 -0.90 -6.57
CA THR A 79 10.83 -1.72 -7.76
C THR A 79 9.45 -1.88 -8.38
N ILE A 80 9.32 -1.43 -9.64
CA ILE A 80 8.03 -1.25 -10.27
C ILE A 80 7.95 -2.13 -11.50
N THR A 81 6.95 -3.00 -11.55
CA THR A 81 6.75 -3.85 -12.73
C THR A 81 6.25 -3.01 -13.90
N PRO A 82 6.41 -3.50 -15.13
CA PRO A 82 5.93 -2.74 -16.28
C PRO A 82 4.46 -2.34 -16.18
N ASP A 83 3.62 -3.21 -15.60
CA ASP A 83 2.21 -2.89 -15.45
C ASP A 83 1.99 -1.64 -14.59
N TYR A 84 2.87 -1.39 -13.63
CA TYR A 84 2.73 -0.22 -12.78
C TYR A 84 3.64 0.91 -13.23
N GLY A 85 4.29 0.77 -14.38
CA GLY A 85 5.09 1.81 -14.96
C GLY A 85 4.54 2.23 -16.32
N TYR A 86 5.33 2.04 -17.37
CA TYR A 86 4.95 2.48 -18.71
C TYR A 86 4.56 1.32 -19.61
N GLY A 87 4.41 0.12 -19.07
CA GLY A 87 3.78 -0.98 -19.80
C GLY A 87 4.52 -1.36 -21.06
N ALA A 88 3.74 -1.83 -22.05
CA ALA A 88 4.34 -2.35 -23.27
C ALA A 88 4.86 -1.24 -24.18
N ARG A 89 4.27 -0.04 -24.11
CA ARG A 89 4.77 1.05 -24.94
C ARG A 89 6.09 1.59 -24.41
N GLY A 90 6.29 1.57 -23.09
CA GLY A 90 7.41 2.29 -22.54
C GLY A 90 7.17 3.80 -22.66
N PHE A 91 8.28 4.53 -22.60
CA PHE A 91 8.25 5.98 -22.70
C PHE A 91 9.38 6.39 -23.64
N PRO A 92 9.10 6.47 -24.93
CA PRO A 92 10.15 6.81 -25.89
C PRO A 92 10.71 8.18 -25.60
N PRO A 93 12.04 8.36 -25.69
CA PRO A 93 13.06 7.41 -26.11
C PRO A 93 13.84 6.77 -24.97
N VAL A 94 13.41 6.96 -23.72
CA VAL A 94 14.29 6.67 -22.58
C VAL A 94 13.95 5.38 -21.87
N ILE A 95 12.68 4.95 -21.95
CA ILE A 95 12.26 3.72 -21.27
C ILE A 95 11.72 2.75 -22.32
N PRO A 96 12.41 1.65 -22.55
CA PRO A 96 11.90 0.64 -23.50
C PRO A 96 10.60 0.02 -23.02
N GLY A 97 9.89 -0.62 -23.95
CA GLY A 97 8.71 -1.37 -23.54
C GLY A 97 9.06 -2.48 -22.58
N ASN A 98 8.10 -2.79 -21.69
CA ASN A 98 8.24 -3.91 -20.75
C ASN A 98 9.44 -3.74 -19.82
N SER A 99 9.63 -2.52 -19.33
CA SER A 99 10.74 -2.20 -18.45
C SER A 99 10.30 -2.23 -17.00
N THR A 100 10.97 -3.06 -16.21
CA THR A 100 10.98 -2.87 -14.77
C THR A 100 11.76 -1.60 -14.41
N LEU A 101 11.19 -0.76 -13.54
CA LEU A 101 11.81 0.50 -13.14
C LEU A 101 12.24 0.45 -11.69
N ILE A 102 13.43 0.98 -11.42
CA ILE A 102 14.00 1.06 -10.07
C ILE A 102 14.12 2.52 -9.69
N PHE A 103 13.38 2.95 -8.67
CA PHE A 103 13.45 4.33 -8.20
C PHE A 103 13.99 4.36 -6.77
N GLU A 104 15.10 5.06 -6.57
CA GLU A 104 15.43 5.52 -5.23
C GLU A 104 14.57 6.74 -4.93
N VAL A 105 13.92 6.75 -3.76
CA VAL A 105 12.98 7.79 -3.41
C VAL A 105 13.24 8.25 -1.98
N GLU A 106 13.25 9.55 -1.78
CA GLU A 106 13.34 10.15 -0.46
C GLU A 106 12.13 11.05 -0.29
N LEU A 107 11.29 10.76 0.71
CA LEU A 107 10.08 11.54 0.97
C LEU A 107 10.45 12.75 1.84
N LEU A 108 10.55 13.92 1.21
CA LEU A 108 11.02 15.13 1.87
C LEU A 108 9.89 15.94 2.48
N GLY A 109 8.68 15.86 1.94
CA GLY A 109 7.59 16.66 2.45
C GLY A 109 6.25 16.06 2.09
N ILE A 110 5.26 16.34 2.93
CA ILE A 110 3.86 16.01 2.67
C ILE A 110 3.08 17.29 2.88
N ASN A 111 2.46 17.81 1.82
CA ASN A 111 1.85 19.13 1.88
C ASN A 111 2.86 20.10 2.48
N ASN A 112 2.50 20.77 3.59
CA ASN A 112 3.40 21.73 4.22
C ASN A 112 4.38 21.12 5.21
N LYS A 113 4.26 19.83 5.52
CA LYS A 113 5.14 19.21 6.50
C LYS A 113 6.47 18.83 5.87
N ARG A 114 7.56 19.16 6.58
CA ARG A 114 8.90 18.83 6.11
C ARG A 114 9.64 17.98 7.13
N MET B 4 -7.40 7.72 8.08
CA MET B 4 -6.01 7.88 8.50
C MET B 4 -5.31 6.53 8.64
N GLY B 5 -5.50 5.88 9.79
CA GLY B 5 -4.74 4.68 10.12
C GLY B 5 -4.93 3.52 9.16
N VAL B 6 -6.06 3.48 8.45
CA VAL B 6 -6.28 2.52 7.38
C VAL B 6 -6.96 3.24 6.23
N THR B 7 -6.58 2.89 5.01
CA THR B 7 -7.25 3.37 3.82
C THR B 7 -7.59 2.18 2.94
N LYS B 8 -8.62 2.33 2.11
CA LYS B 8 -9.17 1.20 1.37
C LYS B 8 -9.27 1.54 -0.11
N GLU B 9 -8.75 0.66 -0.95
CA GLU B 9 -8.93 0.77 -2.39
C GLU B 9 -9.89 -0.32 -2.82
N LEU B 10 -11.01 0.07 -3.43
CA LEU B 10 -11.99 -0.90 -3.90
C LEU B 10 -11.49 -1.58 -5.16
N LYS B 11 -11.59 -2.91 -5.19
CA LYS B 11 -11.23 -3.70 -6.37
C LYS B 11 -12.44 -4.23 -7.12
N SER B 12 -13.48 -4.68 -6.41
CA SER B 12 -14.71 -5.14 -7.02
C SER B 12 -15.86 -4.79 -6.08
N PRO B 13 -16.92 -4.15 -6.56
CA PRO B 13 -17.99 -3.70 -5.64
C PRO B 13 -18.78 -4.86 -5.06
N GLY B 14 -19.25 -4.64 -3.84
CA GLY B 14 -20.25 -5.49 -3.22
C GLY B 14 -21.65 -5.00 -3.57
N ASN B 15 -22.61 -5.39 -2.73
CA ASN B 15 -23.99 -5.01 -3.05
C ASN B 15 -24.29 -3.55 -2.71
N GLY B 16 -23.37 -2.86 -2.05
CA GLY B 16 -23.53 -1.44 -1.80
C GLY B 16 -24.52 -1.08 -0.72
N VAL B 17 -25.07 -2.05 0.01
CA VAL B 17 -26.16 -1.75 0.93
C VAL B 17 -25.98 -2.39 2.31
N ASP B 18 -25.40 -3.60 2.36
CA ASP B 18 -25.19 -4.30 3.63
C ASP B 18 -23.76 -4.08 4.08
N PHE B 19 -23.59 -3.44 5.24
CA PHE B 19 -22.29 -3.11 5.79
C PHE B 19 -22.16 -3.70 7.19
N PRO B 20 -21.01 -4.28 7.53
CA PRO B 20 -20.82 -4.80 8.89
C PRO B 20 -20.95 -3.70 9.94
N LYS B 21 -21.55 -4.06 11.06
CA LYS B 21 -21.64 -3.17 12.22
C LYS B 21 -20.82 -3.75 13.35
N LYS B 22 -20.39 -2.87 14.26
CA LYS B 22 -19.65 -3.30 15.43
C LYS B 22 -20.43 -4.41 16.14
N GLY B 23 -19.75 -5.52 16.41
CA GLY B 23 -20.35 -6.65 17.06
C GLY B 23 -20.81 -7.74 16.11
N ASP B 24 -20.96 -7.41 14.82
CA ASP B 24 -21.29 -8.42 13.83
C ASP B 24 -20.15 -9.41 13.68
N PHE B 25 -20.48 -10.62 13.27
CA PHE B 25 -19.47 -11.56 12.80
C PHE B 25 -19.39 -11.46 11.29
N VAL B 26 -18.18 -11.52 10.77
CA VAL B 26 -17.95 -11.46 9.33
C VAL B 26 -17.15 -12.68 8.89
N THR B 27 -17.38 -13.07 7.64
CA THR B 27 -16.58 -14.10 6.99
C THR B 27 -15.79 -13.44 5.87
N ILE B 28 -14.47 -13.64 5.87
CA ILE B 28 -13.57 -12.89 4.98
C ILE B 28 -12.53 -13.85 4.41
N HIS B 29 -12.20 -13.66 3.15
CA HIS B 29 -10.99 -14.24 2.57
C HIS B 29 -9.93 -13.14 2.46
N TYR B 30 -8.71 -13.44 2.90
CA TYR B 30 -7.67 -12.42 2.89
C TYR B 30 -6.31 -13.00 2.48
N THR B 31 -5.45 -12.08 2.04
CA THR B 31 -4.01 -12.30 1.90
C THR B 31 -3.29 -11.11 2.50
N GLY B 32 -2.33 -11.34 3.39
CA GLY B 32 -1.59 -10.27 4.03
C GLY B 32 -0.15 -10.25 3.53
N ARG B 33 0.31 -9.06 3.14
CA ARG B 33 1.69 -8.88 2.68
C ARG B 33 2.35 -7.67 3.33
N LEU B 34 3.68 -7.74 3.45
CA LEU B 34 4.48 -6.58 3.79
C LEU B 34 4.77 -5.74 2.54
N THR B 35 5.19 -4.51 2.76
CA THR B 35 5.43 -3.65 1.60
C THR B 35 6.66 -4.06 0.80
N ASP B 36 7.53 -4.90 1.37
CA ASP B 36 8.64 -5.44 0.58
C ASP B 36 8.23 -6.64 -0.28
N GLY B 37 6.95 -7.02 -0.23
CA GLY B 37 6.44 -8.09 -1.03
C GLY B 37 6.17 -9.38 -0.27
N SER B 38 6.79 -9.55 0.91
CA SER B 38 6.65 -10.78 1.68
C SER B 38 5.19 -11.09 2.00
N LYS B 39 4.76 -12.31 1.69
CA LYS B 39 3.41 -12.73 2.07
C LYS B 39 3.49 -13.45 3.40
N PHE B 40 2.80 -12.91 4.42
CA PHE B 40 2.86 -13.54 5.73
C PHE B 40 1.67 -14.43 6.03
N ASP B 41 0.58 -14.35 5.27
CA ASP B 41 -0.57 -15.21 5.54
C ASP B 41 -1.57 -15.10 4.39
N SER B 42 -2.36 -16.15 4.22
CA SER B 42 -3.45 -16.09 3.26
C SER B 42 -4.50 -17.14 3.64
N SER B 43 -5.71 -16.67 3.93
CA SER B 43 -6.88 -17.55 4.02
C SER B 43 -7.19 -18.21 2.69
N VAL B 44 -6.82 -17.56 1.58
CA VAL B 44 -7.10 -18.14 0.28
C VAL B 44 -6.20 -19.33 -0.01
N ASP B 45 -4.93 -19.24 0.39
CA ASP B 45 -4.00 -20.33 0.10
C ASP B 45 -4.37 -21.59 0.85
N ARG B 46 -4.97 -21.48 2.03
CA ARG B 46 -5.42 -22.65 2.77
C ARG B 46 -6.90 -22.94 2.54
N ASN B 47 -7.54 -22.19 1.65
CA ASN B 47 -8.92 -22.43 1.24
C ASN B 47 -9.87 -22.51 2.43
N GLU B 48 -9.60 -21.70 3.46
CA GLU B 48 -10.43 -21.66 4.65
C GLU B 48 -10.86 -20.24 4.95
N PRO B 49 -12.10 -19.87 4.63
CA PRO B 49 -12.58 -18.52 4.97
C PRO B 49 -12.40 -18.23 6.45
N PHE B 50 -12.04 -16.99 6.75
CA PHE B 50 -11.74 -16.56 8.10
C PHE B 50 -12.95 -15.85 8.72
N GLN B 51 -13.31 -16.24 9.93
CA GLN B 51 -14.45 -15.66 10.64
C GLN B 51 -13.97 -14.89 11.85
N THR B 52 -14.56 -13.70 12.06
CA THR B 52 -14.20 -12.92 13.23
C THR B 52 -15.36 -11.99 13.58
N GLN B 53 -15.50 -11.72 14.86
CA GLN B 53 -16.27 -10.56 15.26
C GLN B 53 -15.50 -9.32 14.86
N ILE B 54 -16.23 -8.32 14.33
CA ILE B 54 -15.62 -7.08 13.89
C ILE B 54 -15.98 -5.96 14.87
N GLY B 55 -15.03 -5.04 15.04
CA GLY B 55 -15.25 -3.83 15.81
C GLY B 55 -15.03 -3.94 17.29
N THR B 56 -14.63 -5.11 17.79
CA THR B 56 -14.52 -5.36 19.23
C THR B 56 -13.10 -5.69 19.66
N GLY B 57 -12.11 -5.30 18.86
CA GLY B 57 -10.73 -5.49 19.25
C GLY B 57 -10.18 -6.89 19.17
N ARG B 58 -10.88 -7.82 18.52
CA ARG B 58 -10.37 -9.18 18.37
C ARG B 58 -9.38 -9.28 17.24
N VAL B 59 -9.39 -8.30 16.34
CA VAL B 59 -8.42 -8.19 15.26
C VAL B 59 -7.83 -6.79 15.30
N ILE B 60 -6.79 -6.59 14.50
CA ILE B 60 -6.07 -5.33 14.52
C ILE B 60 -7.00 -4.18 14.15
N LYS B 61 -6.63 -2.98 14.59
CA LYS B 61 -7.48 -1.81 14.39
C LYS B 61 -7.77 -1.55 12.92
N GLY B 62 -6.80 -1.75 12.04
CA GLY B 62 -7.05 -1.51 10.63
C GLY B 62 -8.18 -2.35 10.07
N TRP B 63 -8.35 -3.57 10.59
CA TRP B 63 -9.50 -4.38 10.21
C TRP B 63 -10.76 -3.87 10.87
N ASP B 64 -10.69 -3.53 12.16
CA ASP B 64 -11.90 -3.12 12.87
C ASP B 64 -12.51 -1.88 12.26
N GLU B 65 -11.67 -1.02 11.68
CA GLU B 65 -12.14 0.21 11.05
C GLU B 65 -12.44 0.03 9.57
N GLY B 66 -11.60 -0.70 8.85
CA GLY B 66 -11.77 -0.83 7.41
C GLY B 66 -12.86 -1.78 6.98
N VAL B 67 -13.04 -2.89 7.68
CA VAL B 67 -14.01 -3.88 7.23
C VAL B 67 -15.44 -3.34 7.32
N PRO B 68 -15.84 -2.55 8.34
CA PRO B 68 -17.20 -1.98 8.33
C PRO B 68 -17.45 -1.01 7.18
N GLN B 69 -16.42 -0.54 6.49
CA GLN B 69 -16.58 0.32 5.33
C GLN B 69 -16.87 -0.45 4.06
N MET B 70 -16.76 -1.79 4.10
CA MET B 70 -17.00 -2.63 2.94
C MET B 70 -18.44 -3.11 2.90
N SER B 71 -18.99 -3.21 1.70
CA SER B 71 -20.31 -3.82 1.58
C SER B 71 -20.19 -5.30 1.23
N LEU B 72 -21.25 -6.04 1.52
CA LEU B 72 -21.25 -7.48 1.34
C LEU B 72 -20.86 -7.85 -0.10
N GLY B 73 -19.86 -8.72 -0.23
CA GLY B 73 -19.33 -9.13 -1.51
C GLY B 73 -18.17 -8.30 -2.03
N GLU B 74 -17.83 -7.20 -1.37
CA GLU B 74 -16.77 -6.34 -1.86
C GLU B 74 -15.41 -7.03 -1.80
N LYS B 75 -14.60 -6.78 -2.82
CA LYS B 75 -13.17 -7.04 -2.83
C LYS B 75 -12.43 -5.72 -2.72
N ALA B 76 -11.48 -5.63 -1.78
CA ALA B 76 -10.75 -4.38 -1.59
C ALA B 76 -9.36 -4.67 -1.07
N VAL B 77 -8.52 -3.63 -1.03
CA VAL B 77 -7.20 -3.71 -0.42
C VAL B 77 -7.13 -2.71 0.71
N LEU B 78 -6.80 -3.18 1.92
CA LEU B 78 -6.58 -2.31 3.06
C LEU B 78 -5.09 -2.06 3.23
N THR B 79 -4.71 -0.78 3.25
CA THR B 79 -3.35 -0.39 3.61
C THR B 79 -3.37 0.15 5.02
N ILE B 80 -2.63 -0.51 5.91
CA ILE B 80 -2.73 -0.28 7.35
C ILE B 80 -1.38 0.26 7.86
N THR B 81 -1.41 1.43 8.50
CA THR B 81 -0.21 1.99 9.12
C THR B 81 0.18 1.15 10.32
N PRO B 82 1.45 1.21 10.74
CA PRO B 82 1.86 0.41 11.91
C PRO B 82 1.00 0.65 13.14
N ASP B 83 0.54 1.89 13.35
CA ASP B 83 -0.26 2.18 14.53
C ASP B 83 -1.60 1.45 14.52
N TYR B 84 -2.11 1.12 13.33
CA TYR B 84 -3.34 0.34 13.21
C TYR B 84 -3.06 -1.14 12.97
N GLY B 85 -1.79 -1.55 13.00
CA GLY B 85 -1.39 -2.93 12.87
C GLY B 85 -0.72 -3.42 14.14
N TYR B 86 0.56 -3.78 14.07
CA TYR B 86 1.28 -4.34 15.20
C TYR B 86 2.33 -3.39 15.75
N GLY B 87 2.33 -2.13 15.32
CA GLY B 87 3.13 -1.10 15.96
C GLY B 87 4.63 -1.38 16.01
N ALA B 88 5.28 -0.87 17.06
CA ALA B 88 6.72 -0.98 17.15
C ALA B 88 7.18 -2.40 17.42
N ARG B 89 6.36 -3.18 18.14
CA ARG B 89 6.71 -4.56 18.46
C ARG B 89 6.64 -5.44 17.22
N GLY B 90 5.69 -5.17 16.34
CA GLY B 90 5.45 -6.10 15.26
C GLY B 90 4.81 -7.38 15.81
N PHE B 91 4.91 -8.44 15.01
CA PHE B 91 4.41 -9.77 15.37
C PHE B 91 5.50 -10.78 15.06
N PRO B 92 6.41 -11.02 15.99
CA PRO B 92 7.49 -11.97 15.74
C PRO B 92 6.92 -13.35 15.46
N PRO B 93 7.45 -14.06 14.47
CA PRO B 93 8.63 -13.73 13.66
C PRO B 93 8.31 -13.21 12.25
N VAL B 94 7.04 -12.91 11.98
CA VAL B 94 6.59 -12.74 10.60
C VAL B 94 6.46 -11.27 10.20
N ILE B 95 6.19 -10.40 11.17
CA ILE B 95 5.96 -8.99 10.89
C ILE B 95 6.94 -8.15 11.69
N PRO B 96 7.89 -7.48 11.04
CA PRO B 96 8.83 -6.64 11.77
C PRO B 96 8.12 -5.45 12.40
N GLY B 97 8.80 -4.85 13.38
CA GLY B 97 8.31 -3.61 13.95
C GLY B 97 8.18 -2.52 12.90
N ASN B 98 7.21 -1.63 13.12
CA ASN B 98 7.00 -0.47 12.25
C ASN B 98 6.66 -0.88 10.82
N SER B 99 5.78 -1.89 10.69
CA SER B 99 5.44 -2.46 9.38
C SER B 99 4.09 -1.93 8.93
N THR B 100 4.07 -1.32 7.75
CA THR B 100 2.82 -1.12 7.03
C THR B 100 2.34 -2.46 6.49
N LEU B 101 1.04 -2.72 6.62
CA LEU B 101 0.47 -4.01 6.23
C LEU B 101 -0.50 -3.83 5.07
N ILE B 102 -0.47 -4.76 4.12
CA ILE B 102 -1.31 -4.72 2.93
C ILE B 102 -2.18 -5.97 2.95
N PHE B 103 -3.48 -5.79 3.13
CA PHE B 103 -4.42 -6.92 3.10
C PHE B 103 -5.36 -6.80 1.91
N GLU B 104 -5.35 -7.81 1.03
CA GLU B 104 -6.48 -8.04 0.15
C GLU B 104 -7.57 -8.72 0.96
N VAL B 105 -8.79 -8.19 0.88
CA VAL B 105 -9.92 -8.67 1.68
C VAL B 105 -11.13 -8.81 0.78
N GLU B 106 -11.82 -9.93 0.91
CA GLU B 106 -13.10 -10.18 0.26
C GLU B 106 -14.13 -10.47 1.35
N LEU B 107 -15.17 -9.64 1.41
CA LEU B 107 -16.21 -9.79 2.44
C LEU B 107 -17.25 -10.78 1.94
N LEU B 108 -17.19 -12.01 2.48
CA LEU B 108 -18.03 -13.10 2.01
C LEU B 108 -19.33 -13.22 2.79
N GLY B 109 -19.37 -12.77 4.04
CA GLY B 109 -20.59 -12.89 4.80
C GLY B 109 -20.64 -11.92 5.96
N ILE B 110 -21.86 -11.59 6.37
CA ILE B 110 -22.13 -10.77 7.55
C ILE B 110 -23.17 -11.55 8.35
N ASN B 111 -22.80 -12.04 9.54
CA ASN B 111 -23.67 -12.91 10.30
C ASN B 111 -24.13 -14.03 9.35
N ASN B 112 -25.42 -14.29 9.19
CA ASN B 112 -25.88 -15.39 8.35
C ASN B 112 -26.30 -14.94 6.96
N LYS B 113 -25.86 -13.77 6.51
CA LYS B 113 -26.10 -13.32 5.14
C LYS B 113 -24.83 -13.58 4.32
N ARG B 114 -24.98 -14.32 3.23
CA ARG B 114 -23.83 -14.62 2.38
C ARG B 114 -23.88 -13.79 1.10
C4 R27 C . 2.06 8.40 -17.01
C14 R27 C . 8.85 11.27 -11.49
C5 R27 C . 2.63 9.77 -17.32
C6 R27 C . 3.20 10.49 -16.06
C11 R27 C . 7.34 9.27 -13.03
C7 R27 C . 4.49 10.97 -16.06
C8 R27 C . 5.45 10.80 -17.27
C9 R27 C . 4.98 11.69 -14.83
C10 R27 C . 6.09 9.90 -13.61
C12 R27 C . 9.50 9.20 -14.43
C13 R27 C . 8.84 11.32 -13.00
N1 R27 C . 8.62 9.93 -13.55
N2 R27 C . 4.71 14.27 -18.36
C3 R27 C . 1.70 5.49 -17.78
N3 R27 C . 5.00 13.87 -19.68
C1 R27 C . 0.51 8.65 -19.05
C15 R27 C . 7.59 10.68 -11.01
C16 R27 C . 7.32 9.35 -11.53
C17 R27 C . 5.21 13.15 -15.17
C18 R27 C . 3.95 13.84 -15.78
C19 R27 C . 4.30 15.32 -16.27
C2 R27 C . 1.48 7.75 -18.27
C20 R27 C . 4.82 15.36 -17.78
C21 R27 C . 5.46 16.69 -18.36
C22 R27 C . 6.84 16.76 -17.75
C23 R27 C . 7.12 17.47 -16.63
C24 R27 C . 8.58 17.39 -16.06
C25 R27 C . 8.62 16.25 -15.03
C26 R27 C . 9.68 16.49 -13.98
C27 R27 C . 8.82 14.88 -15.79
C28 R27 C . 10.28 14.40 -15.86
C29 R27 C . 12.43 15.39 -16.00
C30 R27 C . 10.50 13.08 -16.59
C31 R27 C . 9.63 12.74 -17.82
C32 R27 C . 9.18 13.51 -20.04
C33 R27 C . 9.92 11.38 -18.29
C34 R27 C . 9.99 10.31 -17.24
C35 R27 C . 10.60 9.01 -17.90
C36 R27 C . 10.86 10.76 -16.10
C37 R27 C . 10.82 9.92 -14.85
C38 R27 C . 6.02 18.30 -15.91
C39 R27 C . 5.65 16.67 -19.86
C40 R27 C . 4.35 16.77 -20.63
C41 R27 C . 4.24 17.51 -21.69
C42 R27 C . 3.92 13.21 -20.38
C43 R27 C . 2.57 13.05 -19.69
C44 R27 C . 5.63 13.84 -13.89
C45 R27 C . 1.51 10.61 -17.89
C46 R27 C . 1.11 10.04 -19.27
O1 R27 C . 0.21 8.07 -20.31
O10 R27 C . 12.20 10.88 -16.46
O11 R27 C . 11.71 9.84 -14.09
O12 R27 C . 4.00 12.81 -21.46
O2 R27 C . 0.82 6.60 -17.84
O3 R27 C . 6.20 11.10 -14.46
O4 R27 C . 9.25 8.15 -14.79
O5 R27 C . 5.03 9.46 -13.41
O6 R27 C . 2.95 13.91 -14.87
O7 R27 C . 11.09 15.38 -16.53
O8 R27 C . 9.96 13.67 -18.86
O9 R27 C . 10.30 12.02 -15.63
H7 R27 C . 1.37 8.50 -16.34
H8 R27 C . 2.77 7.84 -16.65
H19 R27 C . 9.59 10.74 -11.19
H18 R27 C . 8.94 12.18 -11.15
H9 R27 C . 3.33 9.68 -17.99
H10 R27 C . 2.66 10.63 -15.31
H15 R27 C . 7.35 8.33 -13.30
H13 R27 C . 6.28 11.26 -17.08
H12 R27 C . 5.63 9.86 -17.42
H11 R27 C . 5.04 11.19 -18.06
H14 R27 C . 4.33 11.60 -14.11
H16 R27 C . 9.70 11.64 -13.31
H17 R27 C . 8.14 11.90 -13.30
H6 R27 C . 2.49 5.67 -18.31
H4 R27 C . 1.25 4.70 -18.15
H5 R27 C . 1.95 5.31 -16.86
H63 R27 C . 5.78 13.98 -20.03
H2 R27 C . -0.30 8.74 -18.54
H21 R27 C . 7.62 10.64 -10.04
H20 R27 C . 6.85 11.27 -11.27
H22 R27 C . 7.99 8.74 -11.18
H23 R27 C . 6.45 9.07 -11.21
H24 R27 C . 5.93 13.21 -15.82
H25 R27 C . 3.65 13.33 -16.53
H27 R27 C . 4.98 15.68 -15.69
H28 R27 C . 3.50 15.86 -16.20
H3 R27 C . 2.21 7.50 -18.85
H29 R27 C . 4.94 17.45 -18.09
H30 R27 C . 7.52 16.25 -18.13
H31 R27 C . 8.82 18.23 -15.63
H32 R27 C . 9.21 17.20 -16.78
H33 R27 C . 7.76 16.22 -14.58
H36 R27 C . 9.92 15.65 -13.57
H34 R27 C . 9.33 17.10 -13.32
H35 R27 C . 10.46 16.88 -14.41
H37 R27 C . 8.49 14.97 -16.69
H38 R27 C . 8.31 14.20 -15.34
H39 R27 C . 10.61 14.30 -14.96
H40 R27 C . 12.46 15.95 -15.21
H42 R27 C . 12.69 14.49 -15.76
H41 R27 C . 13.04 15.73 -16.67
H43 R27 C . 11.42 13.04 -16.87
H44 R27 C . 8.70 12.82 -17.58
H45 R27 C . 8.46 12.88 -19.88
H47 R27 C . 8.79 14.37 -20.29
H46 R27 C . 9.74 13.19 -20.76
H48 R27 C . 10.77 11.41 -18.75
H49 R27 C . 9.23 11.14 -18.92
H50 R27 C . 9.11 10.13 -16.92
H52 R27 C . 11.30 9.26 -18.52
H53 R27 C . 9.90 8.54 -18.37
H51 R27 C . 10.97 8.44 -17.20
H57 R27 C . 5.87 17.93 -15.02
H55 R27 C . 5.20 18.28 -16.42
H56 R27 C . 6.32 19.23 -15.82
H59 R27 C . 6.21 17.42 -20.11
H58 R27 C . 6.11 15.86 -20.11
H60 R27 C . 3.61 16.28 -20.34
H62 R27 C . 4.97 18.00 -21.99
H61 R27 C . 3.43 17.56 -22.16
H65 R27 C . 1.97 12.54 -20.26
H64 R27 C . 2.68 12.59 -18.84
H66 R27 C . 2.18 13.93 -19.53
H68 R27 C . 6.45 13.44 -13.57
H69 R27 C . 4.93 13.75 -13.22
H67 R27 C . 5.79 14.79 -14.08
H70 R27 C . 1.80 11.52 -17.97
H71 R27 C . 0.74 10.56 -17.31
H72 R27 C . 0.46 10.61 -19.69
H73 R27 C . 1.90 9.96 -19.83
H1 R27 C . -0.10 7.29 -20.19
H54 R27 C . 12.62 10.20 -16.20
H26 R27 C . 2.44 13.24 -14.96
C4 R27 D . -3.84 -7.91 17.86
C14 R27 D . -6.61 -11.94 10.08
C5 R27 D . -3.74 -9.44 17.83
C6 R27 D . -4.72 -10.12 16.81
C11 R27 D . -5.17 -9.92 11.73
C7 R27 D . -4.36 -11.12 16.00
C8 R27 D . -2.86 -11.71 16.02
C9 R27 D . -5.56 -11.56 15.14
C10 R27 D . -5.48 -10.21 13.16
C12 R27 D . -3.03 -11.12 10.76
C13 R27 D . -5.36 -12.33 10.85
N1 R27 D . -4.45 -11.14 11.11
N2 R27 D . -5.47 -15.05 19.38
C3 R27 D . -1.90 -5.32 18.01
N3 R27 D . -6.17 -13.84 19.59
C1 R27 D . -3.08 -7.88 20.28
C15 R27 D . -7.25 -10.77 10.71
C16 R27 D . -6.37 -9.62 10.87
C17 R27 D . -5.84 -13.01 15.39
C18 R27 D . -6.11 -13.35 16.87
C19 R27 D . -6.27 -14.91 17.05
C2 R27 D . -2.80 -7.35 18.86
C20 R27 D . -5.48 -15.60 18.25
C21 R27 D . -4.77 -16.99 18.00
C22 R27 D . -4.65 -17.40 16.54
C23 R27 D . -5.70 -17.88 15.83
C24 R27 D . -5.55 -18.26 14.30
C25 R27 D . -5.98 -17.07 13.41
C26 R27 D . -6.38 -17.56 12.05
C27 R27 D . -4.78 -16.05 13.50
C28 R27 D . -3.82 -16.25 12.31
C29 R27 D . -3.04 -18.17 10.89
C30 R27 D . -2.47 -15.56 12.17
C31 R27 D . -1.64 -15.02 13.35
C32 R27 D . -0.46 -16.37 14.98
C33 R27 D . -0.55 -14.21 12.90
C34 R27 D . -0.93 -13.02 12.06
C35 R27 D . 0.35 -12.20 11.59
C36 R27 D . -1.76 -13.50 10.88
C37 R27 D . -2.42 -12.39 10.07
C38 R27 D . -7.12 -18.03 16.48
C39 R27 D . -3.41 -17.04 18.66
C40 R27 D . -3.43 -17.92 19.90
C41 R27 D . -2.88 -17.52 21.00
C42 R27 D . -5.87 -12.84 20.62
C43 R27 D . -4.68 -13.00 21.59
C44 R27 D . -7.05 -13.46 14.61
C45 R27 D . -4.04 -10.03 19.22
C46 R27 D . -3.21 -9.40 20.37
O1 R27 D . -2.03 -7.47 21.12
O10 R27 D . -0.98 -14.25 10.01
O11 R27 D . -2.59 -12.48 8.90
O12 R27 D . -6.55 -11.88 20.68
O2 R27 D . -2.87 -5.94 18.86
O3 R27 D . -5.18 -11.51 13.77
O4 R27 D . -2.39 -10.16 10.95
O5 R27 D . -5.90 -9.30 13.78
O6 R27 D . -7.24 -12.75 17.37
O7 R27 D . -3.36 -17.60 12.19
O8 R27 D . -1.08 -16.27 13.72
O9 R27 D . -2.82 -14.39 11.38
H7 R27 D . -3.66 -7.55 16.98
H8 R27 D . -4.74 -7.65 18.13
H19 R27 D . -6.35 -11.72 9.17
H18 R27 D . -7.23 -12.69 10.07
H9 R27 D . -2.83 -9.64 17.52
H10 R27 D . -5.58 -9.80 16.75
H15 R27 D . -4.62 -9.12 11.77
H13 R27 D . -2.67 -12.09 16.90
H12 R27 D . -2.78 -12.40 15.35
H11 R27 D . -2.23 -11.00 15.84
H14 R27 D . -6.33 -11.00 15.34
H16 R27 D . -5.63 -12.71 11.71
H17 R27 D . -4.88 -13.00 10.36
H6 R27 D . -1.17 -4.98 18.55
H4 R27 D . -2.31 -4.59 17.52
H5 R27 D . -1.54 -5.97 17.38
H63 R27 D . -6.83 -13.66 19.07
H2 R27 D . -3.92 -7.48 20.57
H21 R27 D . -8.01 -10.51 10.16
H20 R27 D . -7.57 -11.03 11.58
H22 R27 D . -6.06 -9.33 9.99
H23 R27 D . -6.86 -8.89 11.28
H24 R27 D . -5.04 -13.47 15.11
H25 R27 D . -5.34 -13.02 17.37
H27 R27 D . -5.97 -15.34 16.23
H28 R27 D . -7.21 -15.10 17.17
H3 R27 D . -1.91 -7.62 18.60
H29 R27 D . -5.37 -17.64 18.42
H30 R27 D . -3.82 -17.31 16.12
H31 R27 D . -6.10 -19.04 14.10
H32 R27 D . -4.63 -18.49 14.10
H33 R27 D . -6.78 -16.61 13.70
H36 R27 D . -7.20 -18.09 12.12
H34 R27 D . -5.67 -18.13 11.69
H35 R27 D . -6.53 -16.81 11.46
H37 R27 D . -5.12 -15.15 13.49
H38 R27 D . -4.29 -16.20 14.33
H39 R27 D . -4.44 -15.85 11.67
H40 R27 D . -3.71 -17.88 10.25
H42 R27 D . -2.17 -17.85 10.62
H41 R27 D . -3.05 -19.13 10.96
H43 R27 D . -1.90 -16.28 11.85
H44 R27 D . -2.12 -14.52 14.02
H45 R27 D . -0.65 -17.24 15.38
H47 R27 D . 0.51 -16.26 14.88
H46 R27 D . -0.79 -15.66 15.56
H48 R27 D . 0.04 -14.76 12.36
H49 R27 D . -0.06 -13.88 13.67
H50 R27 D . -1.44 -12.38 12.59
H52 R27 D . 1.04 -12.27 12.27
H53 R27 D . 0.10 -11.27 11.46
H51 R27 D . 0.68 -12.58 10.76
H57 R27 D . -7.09 -17.76 17.40
H55 R27 D . -7.76 -17.47 16.01
H56 R27 D . -7.41 -18.96 16.43
H59 R27 D . -2.77 -17.39 18.02
H58 R27 D . -3.15 -16.14 18.92
H60 R27 D . -3.84 -18.76 19.86
H62 R27 D . -2.90 -18.05 21.77
H61 R27 D . -2.47 -16.69 21.03
H65 R27 D . -3.88 -12.65 21.18
H64 R27 D . -4.87 -12.49 22.40
H66 R27 D . -4.56 -13.92 21.81
H68 R27 D . -6.90 -14.36 14.27
H69 R27 D . -7.19 -12.86 13.85
H67 R27 D . -7.84 -13.44 15.17
H70 R27 D . -3.86 -10.98 19.20
H71 R27 D . -4.98 -9.88 19.41
H72 R27 D . -3.64 -9.63 21.21
H73 R27 D . -2.32 -9.79 20.34
H1 R27 D . -1.83 -6.65 20.96
H54 R27 D . -1.25 -14.15 9.21
H26 R27 D . -7.93 -13.19 17.15
#